data_1O5B
#
_entry.id   1O5B
#
_cell.length_a   81.87
_cell.length_b   49.78
_cell.length_c   66.35
_cell.angle_alpha   90.0
_cell.angle_beta   113.10
_cell.angle_gamma   90.0
#
_symmetry.space_group_name_H-M   'C 1 2 1'
#
loop_
_entity.id
_entity.type
_entity.pdbx_description
1 polymer 'Urokinase-type plasminogen activator'
2 polymer 'Urokinase-type plasminogen activator'
3 non-polymer 4-IODOBENZO[B]THIOPHENE-2-CARBOXAMIDINE
4 non-polymer 'CITRIC ACID'
5 water water
#
loop_
_entity_poly.entity_id
_entity_poly.type
_entity_poly.pdbx_seq_one_letter_code
_entity_poly.pdbx_strand_id
1 'polypeptide(L)' KPSSPPEELKFQCGQKTLRPRFK A
2 'polypeptide(L)'
;IIGGEFTTIENQPWFAAIYRRHRGGSVTYVCGGSLMSPCWVISATHCFIDYPKKEDYIVYLGRSRLNSNTQGEMKFEVEN
LILHKDYSADTLAHHNDIALLKIRSKEGRCAQPSRTIQTICLPSMYNDPQFGTSCEITGFGKEASTDYLYPEQLKMTVVK
LISHRECQQPHYYGSEVTTKMLCAADPQWKTDACQGDSGGPLVCSLQGRMTLTGIVSWGRGCALKDKPGVYTRVSHFLPW
IRSHTKEENGLAL
;
B
#
loop_
_chem_comp.id
_chem_comp.type
_chem_comp.name
_chem_comp.formula
CIT non-polymer 'CITRIC ACID' 'C6 H8 O7'
ESI non-polymer 4-IODOBENZO[B]THIOPHENE-2-CARBOXAMIDINE 'C9 H8 I N2 S 1'
#
# COMPACT_ATOMS: atom_id res chain seq x y z
N LEU A 9 -4.01 -21.99 -8.76
CA LEU A 9 -4.18 -23.27 -8.03
C LEU A 9 -3.97 -23.00 -6.53
N LYS A 10 -2.75 -22.73 -6.15
CA LYS A 10 -2.38 -22.43 -4.74
C LYS A 10 -1.64 -21.12 -4.93
N PHE A 11 -1.44 -20.43 -3.84
CA PHE A 11 -0.74 -19.15 -3.92
C PHE A 11 0.75 -19.37 -4.15
N GLN A 12 1.29 -18.51 -4.95
CA GLN A 12 2.74 -18.51 -5.32
C GLN A 12 2.94 -17.02 -5.20
N CYS A 13 3.50 -16.57 -4.13
CA CYS A 13 3.70 -15.11 -3.95
C CYS A 13 4.44 -14.44 -5.10
N GLY A 14 3.98 -13.25 -5.38
CA GLY A 14 4.58 -12.43 -6.46
C GLY A 14 4.34 -12.89 -7.88
N GLN A 15 3.48 -13.85 -8.07
CA GLN A 15 3.22 -14.36 -9.46
C GLN A 15 1.97 -13.73 -10.08
N LYS A 16 2.10 -13.14 -11.23
CA LYS A 16 0.90 -12.53 -11.89
C LYS A 16 0.63 -13.61 -12.95
N ILE B 1 -2.76 8.19 -8.06
CA ILE B 1 -1.43 8.14 -8.71
C ILE B 1 -1.47 9.27 -9.71
N ILE B 2 -0.40 10.01 -9.77
CA ILE B 2 -0.31 11.14 -10.72
C ILE B 2 0.42 10.42 -11.85
N GLY B 3 -0.08 10.56 -13.04
CA GLY B 3 0.57 9.89 -14.20
C GLY B 3 0.27 8.42 -14.09
N GLY B 4 1.11 7.59 -14.64
CA GLY B 4 0.81 6.15 -14.50
C GLY B 4 -0.08 5.75 -15.64
N GLU B 5 -0.59 4.57 -15.57
CA GLU B 5 -1.49 4.06 -16.63
C GLU B 5 -2.63 3.44 -15.84
N PHE B 6 -3.70 3.17 -16.53
CA PHE B 6 -4.86 2.56 -15.84
C PHE B 6 -4.51 1.07 -16.00
N THR B 7 -4.99 0.23 -15.13
CA THR B 7 -4.71 -1.24 -15.18
C THR B 7 -5.93 -2.01 -14.65
N THR B 8 -5.75 -3.30 -14.51
CA THR B 8 -6.78 -4.24 -14.01
C THR B 8 -6.06 -4.94 -12.83
N ILE B 9 -6.81 -5.59 -11.99
CA ILE B 9 -6.20 -6.30 -10.86
C ILE B 9 -5.30 -7.49 -11.35
N GLU B 10 -5.52 -8.02 -12.52
CA GLU B 10 -4.67 -9.16 -13.04
C GLU B 10 -3.19 -8.81 -12.89
N ASN B 11 -2.97 -7.56 -13.05
CA ASN B 11 -1.60 -6.98 -12.98
C ASN B 11 -1.06 -6.73 -11.58
N GLN B 12 -1.93 -6.70 -10.60
CA GLN B 12 -1.54 -6.46 -9.17
C GLN B 12 -2.42 -7.30 -8.28
N PRO B 13 -2.38 -8.60 -8.47
CA PRO B 13 -3.39 -9.49 -7.89
C PRO B 13 -3.35 -9.57 -6.35
N TRP B 14 -2.41 -8.90 -5.77
CA TRP B 14 -2.26 -8.88 -4.27
C TRP B 14 -2.77 -7.55 -3.70
N PHE B 15 -3.23 -6.66 -4.54
CA PHE B 15 -3.72 -5.34 -4.04
C PHE B 15 -5.11 -5.54 -3.40
N ALA B 16 -5.28 -4.94 -2.25
CA ALA B 16 -6.54 -5.02 -1.46
C ALA B 16 -7.07 -3.61 -1.35
N ALA B 17 -8.37 -3.52 -1.48
CA ALA B 17 -9.11 -2.23 -1.41
C ALA B 17 -9.84 -2.28 -0.08
N ILE B 18 -9.68 -1.26 0.71
CA ILE B 18 -10.33 -1.20 2.03
C ILE B 18 -11.32 -0.04 2.02
N TYR B 19 -12.53 -0.33 2.44
CA TYR B 19 -13.59 0.69 2.47
C TYR B 19 -14.15 0.75 3.88
N ARG B 20 -14.91 1.78 4.14
CA ARG B 20 -15.52 1.96 5.49
C ARG B 20 -17.02 2.16 5.25
N ARG B 21 -17.81 1.53 6.08
CA ARG B 21 -19.29 1.64 5.96
C ARG B 21 -19.72 2.81 6.83
N HIS B 22 -20.82 3.42 6.47
CA HIS B 22 -21.34 4.60 7.27
C HIS B 22 -22.77 4.30 7.66
N ARG B 23 -23.15 4.77 8.81
CA ARG B 23 -24.55 4.53 9.26
C ARG B 23 -25.22 5.60 8.40
N GLY B 24 -25.76 5.14 7.31
CA GLY B 24 -26.45 6.06 6.35
C GLY B 24 -26.62 5.34 5.01
N GLY B 25 -25.76 4.41 4.70
CA GLY B 25 -25.88 3.67 3.41
C GLY B 25 -24.64 3.72 2.53
N SER B 26 -23.80 4.68 2.76
CA SER B 26 -22.60 4.75 1.89
C SER B 26 -21.35 4.02 2.44
N VAL B 27 -20.55 3.56 1.51
CA VAL B 27 -19.29 2.85 1.83
C VAL B 27 -18.30 3.76 1.10
N THR B 28 -17.23 4.16 1.73
CA THR B 28 -16.25 5.04 1.03
C THR B 28 -14.91 4.33 1.08
N TYR B 29 -14.07 4.70 0.18
CA TYR B 29 -12.73 4.09 0.11
C TYR B 29 -11.88 4.73 1.18
N VAL B 30 -11.01 3.96 1.75
CA VAL B 30 -10.11 4.43 2.81
C VAL B 30 -8.66 4.34 2.24
N CYS B 31 -8.15 3.16 2.16
CA CYS B 31 -6.77 3.00 1.65
C CYS B 31 -6.63 1.69 0.93
N GLY B 32 -5.45 1.51 0.43
CA GLY B 32 -5.13 0.26 -0.31
C GLY B 32 -4.38 -0.64 0.70
N GLY B 33 -4.02 -1.81 0.26
CA GLY B 33 -3.28 -2.78 1.12
C GLY B 33 -2.74 -3.87 0.19
N SER B 34 -2.08 -4.83 0.78
CA SER B 34 -1.52 -5.96 0.00
C SER B 34 -1.78 -7.29 0.77
N LEU B 35 -2.01 -8.36 0.06
CA LEU B 35 -2.27 -9.69 0.67
C LEU B 35 -0.92 -10.33 0.91
N MET B 36 -0.66 -10.68 2.13
CA MET B 36 0.65 -11.33 2.55
C MET B 36 0.56 -12.86 2.55
N SER B 37 -0.55 -13.30 3.07
CA SER B 37 -0.85 -14.74 3.18
C SER B 37 -2.37 -14.81 3.11
N PRO B 38 -2.92 -15.99 3.05
CA PRO B 38 -4.37 -16.16 2.82
C PRO B 38 -5.24 -15.30 3.73
N CYS B 39 -4.90 -15.20 4.99
CA CYS B 39 -5.75 -14.37 5.90
C CYS B 39 -5.21 -13.04 6.31
N TRP B 40 -4.05 -12.65 5.85
CA TRP B 40 -3.56 -11.31 6.30
C TRP B 40 -3.26 -10.28 5.21
N VAL B 41 -3.71 -9.08 5.46
CA VAL B 41 -3.49 -7.95 4.52
C VAL B 41 -2.65 -6.94 5.33
N ILE B 42 -1.71 -6.29 4.68
CA ILE B 42 -0.87 -5.29 5.38
C ILE B 42 -1.15 -3.94 4.68
N SER B 43 -1.24 -2.92 5.49
CA SER B 43 -1.51 -1.55 5.01
C SER B 43 -0.74 -0.63 5.95
N ALA B 44 -1.24 0.57 6.11
CA ALA B 44 -0.61 1.61 6.98
C ALA B 44 -1.53 1.99 8.12
N THR B 45 -0.94 2.18 9.28
CA THR B 45 -1.73 2.56 10.50
C THR B 45 -2.49 3.90 10.38
N HIS B 46 -1.90 4.88 9.75
CA HIS B 46 -2.58 6.20 9.61
C HIS B 46 -3.94 6.11 8.94
N CYS B 47 -4.13 5.04 8.23
CA CYS B 47 -5.43 4.84 7.53
C CYS B 47 -6.56 4.47 8.53
N PHE B 48 -6.18 3.82 9.59
CA PHE B 48 -7.16 3.38 10.64
C PHE B 48 -7.18 4.24 11.88
N ILE B 49 -6.05 4.79 12.21
CA ILE B 49 -5.89 5.67 13.40
C ILE B 49 -7.11 6.46 13.89
N ASP B 50 -7.77 7.18 13.03
CA ASP B 50 -8.95 7.99 13.49
C ASP B 50 -10.22 7.25 13.70
N TYR B 51 -10.32 6.06 13.21
CA TYR B 51 -11.59 5.31 13.42
C TYR B 51 -11.26 3.81 13.53
N PRO B 52 -10.61 3.38 14.59
CA PRO B 52 -10.15 1.98 14.72
C PRO B 52 -11.26 0.98 15.11
N LYS B 53 -12.38 1.11 14.48
CA LYS B 53 -13.55 0.23 14.74
C LYS B 53 -13.55 -0.78 13.59
N LYS B 54 -12.82 -1.84 13.77
CA LYS B 54 -12.71 -2.91 12.73
C LYS B 54 -14.04 -3.33 12.09
N GLU B 55 -15.04 -3.38 12.91
CA GLU B 55 -16.40 -3.79 12.40
C GLU B 55 -16.91 -2.89 11.25
N ASP B 56 -16.46 -1.68 11.14
CA ASP B 56 -17.00 -0.86 10.01
C ASP B 56 -16.14 -0.94 8.75
N TYR B 57 -15.13 -1.78 8.68
CA TYR B 57 -14.33 -1.79 7.42
C TYR B 57 -14.64 -3.06 6.59
N ILE B 58 -14.52 -2.90 5.31
CA ILE B 58 -14.77 -4.01 4.34
C ILE B 58 -13.51 -4.06 3.49
N VAL B 59 -13.05 -5.25 3.20
CA VAL B 59 -11.82 -5.44 2.37
C VAL B 59 -12.27 -6.22 1.12
N TYR B 60 -11.81 -5.78 -0.04
CA TYR B 60 -12.17 -6.49 -1.29
C TYR B 60 -10.86 -6.80 -1.96
N LEU B 61 -10.84 -7.99 -2.50
CA LEU B 61 -9.65 -8.50 -3.25
C LEU B 61 -10.23 -8.79 -4.66
N GLY B 62 -9.40 -8.74 -5.67
CA GLY B 62 -9.81 -9.00 -7.07
C GLY B 62 -10.68 -7.86 -7.60
N ARG B 63 -10.38 -6.65 -7.22
CA ARG B 63 -11.18 -5.46 -7.64
C ARG B 63 -10.41 -4.54 -8.60
N SER B 64 -10.91 -4.36 -9.80
CA SER B 64 -10.23 -3.48 -10.78
C SER B 64 -10.87 -2.07 -10.78
N ARG B 65 -12.05 -1.94 -10.22
CA ARG B 65 -12.74 -0.62 -10.18
C ARG B 65 -13.09 -0.30 -8.74
N LEU B 66 -13.28 0.96 -8.53
CA LEU B 66 -13.61 1.43 -7.15
C LEU B 66 -15.01 1.26 -6.61
N ASN B 67 -16.03 1.65 -7.32
CA ASN B 67 -17.42 1.48 -6.78
C ASN B 67 -18.28 0.60 -7.66
N SER B 68 -17.68 -0.21 -8.47
CA SER B 68 -18.48 -1.11 -9.36
C SER B 68 -17.76 -2.43 -9.22
N ASN B 69 -18.52 -3.48 -9.27
CA ASN B 69 -17.90 -4.82 -9.12
C ASN B 69 -17.10 -5.32 -10.32
N THR B 70 -16.24 -6.22 -9.98
CA THR B 70 -15.32 -6.92 -10.93
C THR B 70 -15.73 -8.37 -10.72
N GLN B 71 -15.67 -9.16 -11.74
CA GLN B 71 -16.07 -10.58 -11.56
C GLN B 71 -14.82 -11.21 -10.92
N GLY B 72 -15.07 -12.01 -9.92
CA GLY B 72 -13.96 -12.69 -9.22
C GLY B 72 -13.65 -12.04 -7.90
N GLU B 73 -14.13 -10.84 -7.64
CA GLU B 73 -13.79 -10.22 -6.32
C GLU B 73 -14.29 -10.98 -5.09
N MET B 74 -13.63 -10.77 -3.99
CA MET B 74 -14.02 -11.45 -2.71
C MET B 74 -14.14 -10.31 -1.73
N LYS B 75 -15.09 -10.43 -0.87
CA LYS B 75 -15.37 -9.40 0.17
C LYS B 75 -15.04 -10.05 1.52
N PHE B 76 -14.42 -9.32 2.38
CA PHE B 76 -14.07 -9.88 3.71
C PHE B 76 -14.35 -8.82 4.74
N GLU B 77 -14.40 -9.33 5.93
CA GLU B 77 -14.65 -8.48 7.12
C GLU B 77 -13.26 -8.55 7.79
N VAL B 78 -13.01 -7.59 8.62
CA VAL B 78 -11.71 -7.49 9.37
C VAL B 78 -11.92 -8.23 10.71
N GLU B 79 -11.30 -9.38 10.83
CA GLU B 79 -11.41 -10.21 12.07
C GLU B 79 -10.52 -9.57 13.10
N ASN B 80 -9.36 -9.15 12.69
CA ASN B 80 -8.44 -8.52 13.67
C ASN B 80 -7.87 -7.31 12.95
N LEU B 81 -7.57 -6.29 13.68
CA LEU B 81 -7.00 -5.03 13.13
C LEU B 81 -5.81 -4.76 14.06
N ILE B 82 -4.62 -4.82 13.55
CA ILE B 82 -3.41 -4.58 14.37
C ILE B 82 -2.71 -3.32 13.87
N LEU B 83 -2.69 -2.35 14.72
CA LEU B 83 -2.04 -1.06 14.37
C LEU B 83 -0.70 -1.12 15.10
N HIS B 84 0.22 -0.29 14.71
CA HIS B 84 1.55 -0.33 15.37
C HIS B 84 1.60 0.51 16.62
N LYS B 85 2.18 -0.11 17.60
CA LYS B 85 2.35 0.54 18.91
C LYS B 85 3.65 1.22 18.51
N ASP B 86 3.71 2.48 18.74
CA ASP B 86 4.87 3.37 18.45
C ASP B 86 4.56 4.15 17.21
N TYR B 87 3.34 4.07 16.74
CA TYR B 87 2.97 4.86 15.51
C TYR B 87 2.99 6.34 15.92
N SER B 88 3.63 7.19 15.16
CA SER B 88 3.65 8.65 15.54
C SER B 88 3.49 9.47 14.27
N ALA B 89 2.92 10.63 14.36
CA ALA B 89 2.73 11.47 13.17
C ALA B 89 3.27 12.80 13.58
N ASP B 90 4.04 13.42 12.76
CA ASP B 90 4.58 14.75 13.14
C ASP B 90 4.06 15.65 12.05
N THR B 91 4.71 16.74 11.86
CA THR B 91 4.31 17.70 10.83
C THR B 91 4.74 17.29 9.42
N LEU B 92 4.48 16.06 9.09
CA LEU B 92 4.81 15.49 7.75
C LEU B 92 4.85 13.98 7.77
N ALA B 93 5.83 13.47 8.45
CA ALA B 93 5.96 11.99 8.50
C ALA B 93 5.09 11.28 9.48
N HIS B 94 5.03 10.01 9.22
CA HIS B 94 4.25 9.03 10.01
C HIS B 94 5.38 8.06 10.35
N HIS B 95 5.49 7.66 11.58
CA HIS B 95 6.57 6.71 12.00
C HIS B 95 5.88 5.45 12.33
N ASN B 96 6.49 4.36 11.97
CA ASN B 96 5.97 2.97 12.20
C ASN B 96 4.56 2.87 11.64
N ASP B 97 4.48 3.29 10.42
CA ASP B 97 3.19 3.31 9.70
C ASP B 97 2.93 2.00 8.99
N ILE B 98 2.59 1.00 9.74
CA ILE B 98 2.30 -0.31 9.14
C ILE B 98 1.16 -0.87 9.98
N ALA B 99 0.27 -1.62 9.38
CA ALA B 99 -0.89 -2.21 10.13
C ALA B 99 -1.17 -3.56 9.49
N LEU B 100 -1.84 -4.41 10.21
CA LEU B 100 -2.20 -5.78 9.71
C LEU B 100 -3.71 -5.96 9.88
N LEU B 101 -4.33 -6.58 8.91
CA LEU B 101 -5.81 -6.81 8.96
C LEU B 101 -5.98 -8.29 8.69
N LYS B 102 -6.59 -8.98 9.61
CA LYS B 102 -6.80 -10.43 9.41
C LYS B 102 -8.20 -10.38 8.80
N ILE B 103 -8.40 -11.05 7.70
CA ILE B 103 -9.72 -11.05 7.01
C ILE B 103 -10.47 -12.37 7.17
N ARG B 104 -11.77 -12.27 7.20
CA ARG B 104 -12.67 -13.45 7.35
C ARG B 104 -13.81 -13.23 6.33
N SER B 105 -14.20 -14.26 5.64
CA SER B 105 -15.30 -14.13 4.64
C SER B 105 -16.56 -14.39 5.48
N LYS B 106 -17.73 -14.12 4.94
CA LYS B 106 -18.98 -14.36 5.72
C LYS B 106 -19.19 -15.85 5.89
N GLU B 107 -18.37 -16.59 5.20
CA GLU B 107 -18.43 -18.07 5.25
C GLU B 107 -17.31 -18.61 6.14
N GLY B 108 -16.51 -17.76 6.70
CA GLY B 108 -15.40 -18.23 7.59
C GLY B 108 -14.13 -18.59 6.87
N ARG B 109 -13.90 -18.07 5.71
CA ARG B 109 -12.63 -18.45 5.03
C ARG B 109 -11.83 -17.22 4.70
N CYS B 110 -10.61 -17.48 4.37
CA CYS B 110 -9.68 -16.41 4.02
C CYS B 110 -9.66 -16.40 2.50
N ALA B 111 -8.78 -15.63 1.93
CA ALA B 111 -8.70 -15.55 0.45
C ALA B 111 -8.40 -16.87 -0.22
N GLN B 112 -8.85 -16.97 -1.44
CA GLN B 112 -8.66 -18.19 -2.29
C GLN B 112 -7.84 -17.65 -3.48
N PRO B 113 -6.92 -18.43 -4.01
CA PRO B 113 -6.05 -18.00 -5.18
C PRO B 113 -6.84 -17.98 -6.49
N SER B 114 -6.70 -16.96 -7.28
CA SER B 114 -7.44 -16.94 -8.57
C SER B 114 -6.49 -16.21 -9.53
N ARG B 115 -7.01 -15.80 -10.66
CA ARG B 115 -6.16 -15.08 -11.65
C ARG B 115 -6.16 -13.60 -11.23
N THR B 116 -7.00 -13.28 -10.29
CA THR B 116 -7.08 -11.90 -9.80
C THR B 116 -6.70 -11.76 -8.32
N ILE B 117 -6.44 -12.85 -7.65
CA ILE B 117 -6.07 -12.76 -6.22
C ILE B 117 -4.82 -13.60 -6.04
N GLN B 118 -3.76 -12.97 -5.57
CA GLN B 118 -2.43 -13.63 -5.32
C GLN B 118 -1.73 -12.91 -4.13
N THR B 119 -0.81 -13.56 -3.47
CA THR B 119 -0.09 -12.93 -2.32
C THR B 119 1.18 -12.26 -2.86
N ILE B 120 1.74 -11.32 -2.17
CA ILE B 120 2.98 -10.68 -2.68
C ILE B 120 4.03 -11.29 -1.68
N CYS B 121 5.27 -11.26 -2.06
CA CYS B 121 6.33 -11.83 -1.17
C CYS B 121 6.88 -10.78 -0.22
N LEU B 122 7.40 -11.25 0.87
CA LEU B 122 7.98 -10.32 1.89
C LEU B 122 9.48 -10.46 1.65
N PRO B 123 10.24 -9.43 1.94
CA PRO B 123 11.71 -9.51 1.86
C PRO B 123 12.29 -10.26 3.06
N SER B 124 13.57 -10.44 3.03
CA SER B 124 14.24 -11.14 4.15
C SER B 124 14.70 -9.95 5.00
N MET B 125 15.04 -10.27 6.22
CA MET B 125 15.54 -9.30 7.24
C MET B 125 16.41 -8.23 6.65
N TYR B 126 16.00 -7.00 6.84
CA TYR B 126 16.71 -5.75 6.35
C TYR B 126 17.37 -5.89 4.97
N ASN B 127 16.73 -6.59 4.08
CA ASN B 127 17.28 -6.78 2.70
C ASN B 127 16.37 -5.94 1.77
N ASP B 128 16.92 -4.99 1.07
CA ASP B 128 16.15 -4.09 0.15
C ASP B 128 16.86 -4.08 -1.19
N PRO B 129 16.19 -3.69 -2.26
CA PRO B 129 16.90 -3.45 -3.54
C PRO B 129 17.78 -2.20 -3.35
N GLN B 130 18.63 -1.94 -4.30
CA GLN B 130 19.56 -0.76 -4.24
C GLN B 130 18.89 0.46 -4.83
N PHE B 131 19.33 1.62 -4.43
CA PHE B 131 18.68 2.84 -4.99
C PHE B 131 18.89 2.73 -6.52
N GLY B 132 17.95 3.24 -7.26
CA GLY B 132 18.07 3.16 -8.75
C GLY B 132 17.01 2.15 -9.22
N THR B 133 16.79 1.09 -8.47
CA THR B 133 15.77 0.07 -8.87
C THR B 133 14.43 0.76 -9.19
N SER B 134 13.74 0.26 -10.19
CA SER B 134 12.43 0.86 -10.59
C SER B 134 11.46 -0.11 -9.92
N CYS B 135 10.52 0.44 -9.22
CA CYS B 135 9.51 -0.35 -8.52
C CYS B 135 8.19 0.22 -8.99
N GLU B 136 7.14 -0.47 -8.71
CA GLU B 136 5.80 0.04 -9.14
C GLU B 136 4.88 0.18 -7.97
N ILE B 137 4.07 1.17 -8.05
CA ILE B 137 3.09 1.46 -6.98
C ILE B 137 1.76 1.34 -7.69
N THR B 138 0.78 1.00 -6.92
CA THR B 138 -0.56 0.85 -7.51
C THR B 138 -1.57 1.41 -6.51
N GLY B 139 -2.69 1.83 -7.00
CA GLY B 139 -3.74 2.38 -6.11
C GLY B 139 -4.82 3.14 -6.86
N PHE B 140 -5.78 3.57 -6.08
CA PHE B 140 -6.99 4.33 -6.50
C PHE B 140 -6.95 5.77 -5.97
N GLY B 141 -5.81 6.23 -5.55
CA GLY B 141 -5.73 7.63 -5.02
C GLY B 141 -5.81 8.66 -6.12
N LYS B 142 -5.87 9.90 -5.71
CA LYS B 142 -5.98 11.07 -6.64
C LYS B 142 -5.00 11.05 -7.81
N GLU B 143 -5.45 11.65 -8.88
CA GLU B 143 -4.66 11.75 -10.13
C GLU B 143 -4.06 13.15 -10.23
N ALA B 144 -4.57 14.05 -9.43
CA ALA B 144 -4.12 15.48 -9.37
C ALA B 144 -4.33 15.85 -7.90
N SER B 145 -3.38 16.47 -7.23
CA SER B 145 -3.61 16.83 -5.79
C SER B 145 -4.83 17.71 -5.60
N THR B 146 -5.24 18.41 -6.62
CA THR B 146 -6.43 19.28 -6.50
C THR B 146 -7.76 18.55 -6.66
N ASP B 147 -7.75 17.34 -7.14
CA ASP B 147 -9.05 16.63 -7.28
C ASP B 147 -9.67 16.35 -5.91
N TYR B 148 -10.96 16.10 -5.86
CA TYR B 148 -11.65 15.80 -4.57
C TYR B 148 -12.39 14.46 -4.68
N LEU B 149 -12.11 13.75 -5.73
CA LEU B 149 -12.70 12.41 -6.01
C LEU B 149 -11.50 11.51 -6.40
N TYR B 150 -11.76 10.24 -6.38
CA TYR B 150 -10.76 9.19 -6.74
C TYR B 150 -11.18 8.60 -8.10
N PRO B 151 -10.23 8.10 -8.87
CA PRO B 151 -10.56 7.40 -10.13
C PRO B 151 -11.34 6.12 -9.88
N GLU B 152 -12.06 5.73 -10.90
CA GLU B 152 -12.88 4.50 -10.80
C GLU B 152 -12.10 3.32 -11.28
N GLN B 153 -11.06 3.57 -12.02
CA GLN B 153 -10.22 2.45 -12.55
C GLN B 153 -8.89 2.48 -11.80
N LEU B 154 -8.40 1.29 -11.59
CA LEU B 154 -7.10 1.10 -10.87
C LEU B 154 -5.97 1.67 -11.75
N LYS B 155 -4.97 2.22 -11.10
CA LYS B 155 -3.81 2.80 -11.80
C LYS B 155 -2.53 2.24 -11.17
N MET B 156 -1.51 2.34 -11.96
CA MET B 156 -0.15 1.87 -11.60
C MET B 156 0.86 2.83 -12.24
N THR B 157 2.05 2.88 -11.70
CA THR B 157 3.10 3.76 -12.27
C THR B 157 4.42 3.14 -11.74
N VAL B 158 5.51 3.51 -12.36
CA VAL B 158 6.84 3.01 -11.96
C VAL B 158 7.60 4.22 -11.45
N VAL B 159 8.29 4.00 -10.38
CA VAL B 159 9.09 5.07 -9.73
C VAL B 159 10.45 4.42 -9.38
N LYS B 160 11.46 5.19 -9.11
CA LYS B 160 12.77 4.59 -8.78
C LYS B 160 13.07 4.87 -7.33
N LEU B 161 13.79 3.95 -6.75
CA LEU B 161 14.18 4.09 -5.30
C LEU B 161 15.34 5.10 -5.24
N ILE B 162 15.36 5.95 -4.26
CA ILE B 162 16.51 6.92 -4.19
C ILE B 162 17.15 6.62 -2.81
N SER B 163 18.37 7.01 -2.65
CA SER B 163 19.07 6.74 -1.35
C SER B 163 18.58 7.59 -0.18
N HIS B 164 19.03 7.33 1.02
CA HIS B 164 18.54 8.17 2.16
C HIS B 164 19.33 9.48 2.05
N ARG B 165 20.57 9.39 1.66
CA ARG B 165 21.40 10.61 1.51
C ARG B 165 20.68 11.67 0.64
N GLU B 166 20.11 11.22 -0.44
CA GLU B 166 19.39 12.17 -1.35
C GLU B 166 18.12 12.71 -0.71
N CYS B 167 17.37 11.83 -0.17
CA CYS B 167 16.08 12.22 0.48
C CYS B 167 16.23 13.04 1.74
N GLN B 168 17.33 12.90 2.43
CA GLN B 168 17.51 13.68 3.67
C GLN B 168 18.25 14.97 3.42
N GLN B 169 18.28 15.41 2.20
CA GLN B 169 19.00 16.69 1.97
C GLN B 169 18.02 17.75 2.50
N PRO B 170 18.50 18.81 3.10
CA PRO B 170 17.64 19.92 3.58
C PRO B 170 16.58 20.40 2.59
N HIS B 171 16.85 20.38 1.31
CA HIS B 171 15.79 20.86 0.36
C HIS B 171 14.85 19.75 -0.06
N TYR B 172 14.95 18.65 0.62
CA TYR B 172 14.08 17.47 0.34
C TYR B 172 13.32 17.36 1.68
N TYR B 173 13.57 16.35 2.48
CA TYR B 173 12.84 16.21 3.77
C TYR B 173 13.70 16.27 5.02
N GLY B 174 14.96 16.53 4.86
CA GLY B 174 15.85 16.59 6.06
C GLY B 174 15.74 15.30 6.88
N SER B 175 15.87 15.42 8.18
CA SER B 175 15.80 14.24 9.07
C SER B 175 14.37 13.82 9.41
N GLU B 176 13.45 14.12 8.52
CA GLU B 176 12.03 13.74 8.78
C GLU B 176 11.90 12.28 8.33
N VAL B 177 12.85 11.88 7.50
CA VAL B 177 12.93 10.52 6.94
C VAL B 177 13.97 9.76 7.80
N THR B 178 13.61 8.59 8.21
CA THR B 178 14.52 7.77 9.05
C THR B 178 14.96 6.50 8.32
N THR B 179 15.72 5.68 8.98
CA THR B 179 16.20 4.43 8.37
C THR B 179 15.02 3.44 8.21
N LYS B 180 13.93 3.68 8.91
CA LYS B 180 12.78 2.74 8.76
C LYS B 180 11.82 3.23 7.62
N MET B 181 12.29 4.14 6.83
CA MET B 181 11.47 4.68 5.68
C MET B 181 12.37 4.51 4.44
N LEU B 182 11.75 4.69 3.31
CA LEU B 182 12.43 4.61 1.98
C LEU B 182 11.75 5.71 1.18
N CYS B 183 12.44 6.21 0.21
CA CYS B 183 11.92 7.29 -0.67
C CYS B 183 12.04 6.79 -2.10
N ALA B 184 11.06 7.15 -2.89
CA ALA B 184 11.05 6.71 -4.33
C ALA B 184 10.47 7.88 -5.09
N ALA B 185 10.99 8.16 -6.24
CA ALA B 185 10.44 9.30 -7.06
C ALA B 185 10.71 9.03 -8.51
N ASP B 186 10.21 9.90 -9.34
CA ASP B 186 10.41 9.75 -10.80
C ASP B 186 11.53 10.75 -11.01
N PRO B 187 12.54 10.41 -11.77
CA PRO B 187 13.67 11.33 -12.09
C PRO B 187 13.24 12.73 -12.54
N GLN B 188 12.20 12.71 -13.32
CA GLN B 188 11.67 13.99 -13.83
C GLN B 188 10.43 14.46 -13.08
N TRP B 189 10.28 13.98 -11.87
CA TRP B 189 9.12 14.31 -10.95
C TRP B 189 7.76 14.38 -11.70
N LYS B 190 7.52 13.39 -12.54
CA LYS B 190 6.27 13.32 -13.35
C LYS B 190 5.17 12.42 -12.79
N THR B 191 5.54 11.35 -12.16
CA THR B 191 4.52 10.43 -11.60
C THR B 191 4.85 10.24 -10.11
N ASP B 192 3.87 9.82 -9.35
CA ASP B 192 4.04 9.61 -7.88
C ASP B 192 2.71 9.08 -7.30
N ALA B 193 2.78 8.74 -6.03
CA ALA B 193 1.60 8.24 -5.25
C ALA B 193 0.97 9.56 -4.74
N CYS B 194 -0.20 9.48 -4.17
CA CYS B 194 -0.85 10.72 -3.67
C CYS B 194 -1.92 10.28 -2.70
N GLN B 195 -2.67 11.23 -2.22
CA GLN B 195 -3.78 10.97 -1.25
C GLN B 195 -4.72 9.92 -1.86
N GLY B 196 -5.06 8.96 -1.09
CA GLY B 196 -5.95 7.83 -1.47
C GLY B 196 -5.04 6.64 -1.81
N ASP B 197 -3.76 6.86 -1.97
CA ASP B 197 -2.85 5.70 -2.32
C ASP B 197 -2.22 5.07 -1.05
N SER B 198 -2.40 5.74 0.06
CA SER B 198 -1.86 5.24 1.36
C SER B 198 -2.12 3.75 1.58
N GLY B 199 -1.20 3.05 2.21
CA GLY B 199 -1.43 1.59 2.46
C GLY B 199 -1.04 0.63 1.38
N GLY B 200 -1.08 1.09 0.17
CA GLY B 200 -0.72 0.18 -0.96
C GLY B 200 0.77 -0.02 -1.12
N PRO B 201 1.11 -0.88 -2.04
CA PRO B 201 2.49 -1.38 -2.12
C PRO B 201 3.35 -0.69 -3.15
N LEU B 202 4.61 -0.85 -2.86
CA LEU B 202 5.79 -0.36 -3.61
C LEU B 202 6.39 -1.76 -3.86
N VAL B 203 6.30 -2.24 -5.06
CA VAL B 203 6.85 -3.59 -5.36
C VAL B 203 8.09 -3.50 -6.24
N CYS B 204 9.07 -4.28 -5.85
CA CYS B 204 10.36 -4.30 -6.61
C CYS B 204 10.78 -5.76 -6.77
N SER B 205 11.66 -6.06 -7.67
CA SER B 205 12.06 -7.47 -7.80
C SER B 205 13.31 -7.62 -6.90
N LEU B 206 13.30 -8.58 -6.03
CA LEU B 206 14.46 -8.81 -5.12
C LEU B 206 14.84 -10.26 -5.24
N GLN B 207 16.07 -10.52 -5.55
CA GLN B 207 16.54 -11.91 -5.68
C GLN B 207 15.65 -12.74 -6.59
N GLY B 208 14.99 -12.11 -7.51
CA GLY B 208 14.10 -12.89 -8.45
C GLY B 208 12.61 -12.88 -8.10
N ARG B 209 12.24 -12.34 -6.98
CA ARG B 209 10.78 -12.33 -6.60
C ARG B 209 10.24 -10.92 -6.61
N MET B 210 8.95 -10.80 -6.77
CA MET B 210 8.27 -9.47 -6.79
C MET B 210 8.03 -9.40 -5.30
N THR B 211 8.73 -8.48 -4.71
CA THR B 211 8.67 -8.22 -3.27
C THR B 211 8.04 -6.87 -2.89
N LEU B 212 7.37 -6.93 -1.78
CA LEU B 212 6.68 -5.73 -1.21
C LEU B 212 7.88 -5.04 -0.55
N THR B 213 8.38 -4.00 -1.14
CA THR B 213 9.54 -3.31 -0.53
C THR B 213 9.00 -2.16 0.32
N GLY B 214 7.92 -1.55 -0.04
CA GLY B 214 7.39 -0.43 0.81
C GLY B 214 5.85 -0.32 0.79
N ILE B 215 5.37 0.50 1.67
CA ILE B 215 3.91 0.78 1.82
C ILE B 215 3.83 2.29 1.67
N VAL B 216 2.92 2.76 0.86
CA VAL B 216 2.76 4.21 0.64
C VAL B 216 2.38 4.75 2.04
N SER B 217 3.10 5.76 2.47
CA SER B 217 2.89 6.40 3.78
C SER B 217 2.62 7.95 3.73
N TRP B 218 3.54 8.70 3.16
CA TRP B 218 3.36 10.20 3.06
C TRP B 218 4.23 10.86 2.01
N GLY B 219 4.04 12.12 1.88
CA GLY B 219 4.81 12.89 0.90
C GLY B 219 4.30 14.30 1.01
N ARG B 220 5.07 15.23 0.53
CA ARG B 220 4.61 16.63 0.59
C ARG B 220 4.08 16.82 -0.82
N GLY B 221 2.81 17.10 -0.91
CA GLY B 221 2.20 17.29 -2.24
C GLY B 221 2.36 15.97 -2.98
N CYS B 222 2.01 16.02 -4.23
CA CYS B 222 2.09 14.83 -5.10
C CYS B 222 2.79 15.20 -6.38
N ALA B 223 3.89 14.56 -6.58
CA ALA B 223 4.76 14.73 -7.78
C ALA B 223 5.41 16.10 -7.71
N LEU B 224 5.80 16.52 -6.53
CA LEU B 224 6.45 17.85 -6.42
C LEU B 224 7.95 17.65 -6.52
N LYS B 225 8.57 18.58 -7.19
CA LYS B 225 10.03 18.49 -7.38
C LYS B 225 10.67 18.51 -5.97
N ASP B 226 11.61 17.62 -5.84
CA ASP B 226 12.41 17.39 -4.60
C ASP B 226 11.56 17.01 -3.40
N LYS B 227 10.43 16.41 -3.67
CA LYS B 227 9.48 15.95 -2.62
C LYS B 227 9.14 14.50 -3.09
N PRO B 228 10.03 13.57 -2.82
CA PRO B 228 9.84 12.14 -3.16
C PRO B 228 8.69 11.56 -2.34
N GLY B 229 8.27 10.38 -2.69
CA GLY B 229 7.16 9.77 -1.92
C GLY B 229 7.91 9.00 -0.85
N VAL B 230 7.40 8.95 0.34
CA VAL B 230 8.10 8.21 1.41
C VAL B 230 7.21 6.97 1.69
N TYR B 231 7.87 5.89 1.99
CA TYR B 231 7.19 4.61 2.26
C TYR B 231 7.73 3.99 3.51
N THR B 232 6.97 3.11 4.10
CA THR B 232 7.41 2.39 5.34
C THR B 232 8.35 1.33 4.73
N ARG B 233 9.44 1.11 5.41
CA ARG B 233 10.48 0.14 4.95
C ARG B 233 10.15 -1.24 5.54
N VAL B 234 9.39 -1.99 4.83
CA VAL B 234 8.96 -3.35 5.24
C VAL B 234 10.10 -4.23 5.78
N SER B 235 11.20 -4.34 5.07
CA SER B 235 12.37 -5.16 5.48
C SER B 235 12.81 -4.90 6.95
N HIS B 236 12.43 -3.76 7.48
CA HIS B 236 12.82 -3.41 8.87
C HIS B 236 11.72 -3.77 9.87
N PHE B 237 10.58 -4.17 9.37
CA PHE B 237 9.45 -4.54 10.26
C PHE B 237 9.20 -6.02 10.30
N LEU B 238 9.97 -6.79 9.58
CA LEU B 238 9.74 -8.26 9.59
C LEU B 238 9.51 -8.91 10.97
N PRO B 239 10.25 -8.59 12.00
CA PRO B 239 10.01 -9.17 13.35
C PRO B 239 8.59 -8.86 13.86
N TRP B 240 8.22 -7.63 13.70
CA TRP B 240 6.88 -7.15 14.13
C TRP B 240 5.84 -7.92 13.31
N ILE B 241 6.02 -8.00 12.01
CA ILE B 241 5.01 -8.75 11.21
C ILE B 241 4.95 -10.18 11.77
N ARG B 242 6.09 -10.81 11.77
CA ARG B 242 6.17 -12.20 12.28
C ARG B 242 5.47 -12.36 13.63
N SER B 243 5.86 -11.63 14.64
CA SER B 243 5.16 -11.82 15.93
C SER B 243 3.62 -11.82 15.89
N HIS B 244 3.03 -11.34 14.83
CA HIS B 244 1.54 -11.32 14.75
C HIS B 244 0.94 -12.32 13.75
N THR B 245 1.62 -12.59 12.68
CA THR B 245 1.08 -13.54 11.66
C THR B 245 1.32 -15.03 12.02
C0 ESI C . 3.39 11.27 -2.19
C1 ESI C . 2.35 11.22 -1.28
N1 ESI C . 3.77 12.42 -2.66
N2 ESI C . 3.91 10.12 -2.51
S2 ESI C . 1.83 9.72 -0.51
C3 ESI C . 0.55 10.47 0.38
C4 ESI C . 0.55 11.83 0.08
C5 ESI C . 1.52 12.21 -0.82
C6 ESI C . -0.35 9.93 1.27
C7 ESI C . -1.29 10.77 1.86
C8 ESI C . -1.29 12.12 1.55
C9 ESI C . -0.39 12.66 0.66
I9 ESI C . -0.60 14.66 0.31
HH11 ESI C . 3.25 13.23 -2.35
HH12 ESI C . 4.53 12.59 -3.28
HH21 ESI C . 3.54 9.30 -2.04
HH22 ESI C . 4.66 10.00 -3.15
H5 ESI C . 1.62 13.25 -1.13
H6 ESI C . -0.35 8.87 1.48
H7 ESI C . -2.01 10.37 2.55
H8 ESI C . -2.02 12.78 2.01
C1 CIT D . -21.02 -6.64 -2.02
O1 CIT D . -21.21 -6.44 -0.83
O2 CIT D . -19.90 -6.69 -2.52
C2 CIT D . -22.20 -6.86 -3.01
C3 CIT D . -23.67 -7.02 -2.43
O7 CIT D . -23.54 -7.93 -1.35
C4 CIT D . -24.65 -7.65 -3.48
C5 CIT D . -26.05 -7.98 -2.91
O3 CIT D . -26.85 -7.08 -2.86
O4 CIT D . -26.30 -9.11 -2.56
C6 CIT D . -24.21 -5.72 -1.87
O5 CIT D . -24.18 -4.75 -2.58
O6 CIT D . -24.66 -5.75 -0.73
H21 CIT D . -22.18 -5.99 -3.66
H22 CIT D . -21.97 -7.73 -3.61
HO7 CIT D . -23.28 -7.24 -0.71
H41 CIT D . -24.77 -6.99 -4.31
H42 CIT D . -24.22 -8.57 -3.86
C1 CIT E . -22.70 -10.01 2.00
O1 CIT E . -23.20 -10.96 1.42
O2 CIT E . -21.48 -9.84 2.04
C2 CIT E . -23.69 -9.00 2.75
C3 CIT E . -24.41 -7.81 1.87
O7 CIT E . -23.47 -7.46 0.89
C4 CIT E . -24.62 -6.50 2.72
C5 CIT E . -23.38 -5.74 3.33
O3 CIT E . -22.49 -5.34 2.59
O4 CIT E . -23.36 -5.58 4.54
C6 CIT E . -25.74 -8.21 1.17
O5 CIT E . -26.63 -8.61 1.90
O6 CIT E . -25.82 -8.10 -0.06
H21 CIT E . -24.47 -9.58 3.24
H22 CIT E . -23.12 -8.52 3.53
HO7 CIT E . -22.69 -7.80 1.34
H41 CIT E . -25.15 -5.79 2.11
H42 CIT E . -25.29 -6.75 3.55
C1 CIT F . -3.25 11.00 5.71
O1 CIT F . -2.44 10.11 5.60
O2 CIT F . -2.86 12.14 5.88
C2 CIT F . -4.80 10.74 5.66
C3 CIT F . -5.46 9.76 4.52
O7 CIT F . -5.90 8.72 5.39
C4 CIT F . -4.46 8.94 3.59
C5 CIT F . -4.74 8.80 2.07
O3 CIT F . -3.75 8.79 1.37
O4 CIT F . -5.87 8.69 1.65
C6 CIT F . -6.71 10.42 3.81
O5 CIT F . -6.51 11.38 3.08
O6 CIT F . -7.83 9.96 4.02
H21 CIT F . -5.07 10.37 6.64
H22 CIT F . -5.29 11.69 5.58
HO7 CIT F . -6.37 9.17 6.09
H41 CIT F . -3.47 9.35 3.68
H42 CIT F . -4.44 7.93 3.95
#